data_5GVI
#
_entry.id   5GVI
#
_cell.length_a   130.270
_cell.length_b   130.270
_cell.length_c   59.881
_cell.angle_alpha   90.00
_cell.angle_beta   90.00
_cell.angle_gamma   120.00
#
_symmetry.space_group_name_H-M   'P 65'
#
loop_
_entity.id
_entity.type
_entity.pdbx_description
1 polymer 'Ubiquitin carboxyl-terminal hydrolase 30'
2 polymer ubiquitin
3 polymer ubiquitin
4 non-polymer 'ZINC ION'
5 water water
#
loop_
_entity_poly.entity_id
_entity_poly.type
_entity_poly.pdbx_seq_one_letter_code
_entity_poly.pdbx_strand_id
1 'polypeptide(L)'
;SHMGMVPGLLNLGNTAFMNSLLQGLAACPSFIRWLEDFTSQNSADRERTERETQLSRSLMQLLKALSSHVPGEDDVLDAG
GLLEALRLYRWHISSFEEQDAHELFHVLTSSLEEEQERQPRVAHLFDMQTLEKSVESKEKNISCRSGGPLHPIPSLWRTR
HPFHGRLTSYMACKRCEQQSPVHYDSFDSLSLSIPSIQWGRPVTLDQCLQHFISSETIKEVECENCTKQQAGELVNGEVL
ESQRTTFVKQLKLGKLPQCLCIHLQRLTWSKEGSPIKRQEHVQFTEYLSLDRYKHCSAAQSQQKTSRTNKAKASADPKDK
AIANGVDSEHCNNNKPQSNGTFPSVFLHSPGLSSQLNLTYDYSTSEYLFRLTAVLVHHGDMHSGHFITYRRCPAAPRGTS
PFSSQWLWVSDDSVRKASLQEVLSSSAYLLFYERMQRPGLRVEE
;
A
2 'polypeptide(L)' MQIFVRTLTGKTITLEVEPSDTIENVKAKIQDKEGIPPDQQRLIFAGKQLEDGRTLSDYNIQKESTLHLVLRLRGG B
3 'polypeptide(L)' MQIFVKTLTGKTITLEVEPSDTIENVKAKIQDKEGIPPDQQRLIFAGKQLEDGRTLSDYNIQKESTLHLVLR C
#
loop_
_chem_comp.id
_chem_comp.type
_chem_comp.name
_chem_comp.formula
ZN non-polymer 'ZINC ION' 'Zn 2'
#
# COMPACT_ATOMS: atom_id res chain seq x y z
N SER A 1 -8.88 -21.84 -21.32
CA SER A 1 -9.99 -20.94 -21.04
C SER A 1 -10.01 -20.54 -19.56
N HIS A 2 -10.83 -19.55 -19.25
CA HIS A 2 -11.00 -19.07 -17.88
C HIS A 2 -12.49 -18.86 -17.57
N MET A 3 -13.29 -19.85 -17.95
CA MET A 3 -14.75 -19.77 -17.95
C MET A 3 -15.39 -19.00 -16.79
N GLY A 4 -15.27 -19.53 -15.57
CA GLY A 4 -15.88 -18.85 -14.44
C GLY A 4 -14.99 -17.81 -13.80
N MET A 5 -13.93 -17.40 -14.50
CA MET A 5 -12.87 -16.62 -13.85
C MET A 5 -12.51 -15.36 -14.63
N VAL A 6 -11.24 -14.96 -14.55
CA VAL A 6 -10.76 -13.74 -15.18
C VAL A 6 -9.44 -14.01 -15.89
N PRO A 7 -9.03 -13.14 -16.83
CA PRO A 7 -7.70 -13.32 -17.40
C PRO A 7 -6.58 -13.15 -16.36
N GLY A 8 -5.47 -13.86 -16.56
CA GLY A 8 -4.28 -13.58 -15.78
C GLY A 8 -3.52 -12.44 -16.45
N LEU A 9 -2.36 -12.09 -15.90
CA LEU A 9 -1.51 -11.01 -16.43
C LEU A 9 -0.08 -11.51 -16.57
N LEU A 10 0.53 -11.29 -17.73
CA LEU A 10 1.94 -11.59 -17.94
C LEU A 10 2.79 -10.86 -16.90
N ASN A 11 3.78 -11.55 -16.35
CA ASN A 11 4.72 -10.85 -15.49
C ASN A 11 5.79 -10.28 -16.41
N LEU A 12 5.90 -8.94 -16.48
CA LEU A 12 6.71 -8.28 -17.50
C LEU A 12 8.13 -7.98 -17.04
N GLY A 13 8.56 -8.66 -15.98
CA GLY A 13 9.91 -8.48 -15.49
C GLY A 13 9.85 -8.02 -14.05
N ASN A 14 9.51 -8.96 -13.17
CA ASN A 14 9.31 -8.65 -11.76
C ASN A 14 8.22 -7.63 -11.53
N THR A 15 7.11 -7.78 -12.26
CA THR A 15 6.01 -6.82 -12.13
C THR A 15 4.80 -7.40 -11.41
N ALA A 16 5.02 -8.34 -10.50
CA ALA A 16 3.91 -8.86 -9.69
C ALA A 16 3.23 -7.76 -8.88
N PHE A 17 3.99 -6.73 -8.52
CA PHE A 17 3.43 -5.59 -7.75
C PHE A 17 2.37 -4.87 -8.58
N MET A 18 2.52 -4.85 -9.90
CA MET A 18 1.48 -4.22 -10.74
C MET A 18 0.32 -5.17 -11.00
N ASN A 19 0.61 -6.43 -11.29
CA ASN A 19 -0.46 -7.37 -11.64
C ASN A 19 -1.40 -7.61 -10.46
N SER A 20 -0.83 -7.82 -9.27
CA SER A 20 -1.64 -8.02 -8.08
C SER A 20 -2.55 -6.82 -7.82
N LEU A 21 -1.98 -5.61 -7.97
CA LEU A 21 -2.76 -4.41 -7.74
C LEU A 21 -3.87 -4.29 -8.78
N LEU A 22 -3.57 -4.58 -10.05
CA LEU A 22 -4.61 -4.49 -11.07
C LEU A 22 -5.76 -5.44 -10.75
N GLN A 23 -5.43 -6.64 -10.28
CA GLN A 23 -6.48 -7.62 -9.99
C GLN A 23 -7.32 -7.11 -8.82
N GLY A 24 -6.68 -6.40 -7.90
CA GLY A 24 -7.42 -5.87 -6.77
C GLY A 24 -8.34 -4.72 -7.16
N LEU A 25 -7.80 -3.78 -7.92
CA LEU A 25 -8.57 -2.63 -8.43
C LEU A 25 -9.72 -3.09 -9.30
N ALA A 26 -9.53 -4.18 -10.04
CA ALA A 26 -10.59 -4.69 -10.93
C ALA A 26 -11.79 -5.20 -10.14
N ALA A 27 -11.56 -5.48 -8.86
CA ALA A 27 -12.62 -5.96 -7.97
C ALA A 27 -13.31 -4.80 -7.25
N CYS A 28 -12.99 -3.57 -7.64
CA CYS A 28 -13.66 -2.39 -7.07
C CYS A 28 -14.49 -1.70 -8.14
N PRO A 29 -15.73 -2.15 -8.34
CA PRO A 29 -16.55 -1.64 -9.45
C PRO A 29 -16.79 -0.14 -9.40
N SER A 30 -16.73 0.46 -8.21
CA SER A 30 -16.94 1.90 -8.11
C SER A 30 -15.77 2.67 -8.70
N PHE A 31 -14.56 2.12 -8.53
CA PHE A 31 -13.38 2.73 -9.09
C PHE A 31 -13.41 2.62 -10.62
N ILE A 32 -13.81 1.45 -11.08
CA ILE A 32 -13.94 1.23 -12.52
C ILE A 32 -14.96 2.21 -13.11
N ARG A 33 -16.11 2.36 -12.46
CA ARG A 33 -17.14 3.28 -12.96
C ARG A 33 -16.62 4.71 -13.00
N TRP A 34 -15.90 5.10 -11.95
CA TRP A 34 -15.27 6.41 -11.92
C TRP A 34 -14.28 6.62 -13.06
N LEU A 35 -13.45 5.61 -13.32
CA LEU A 35 -12.46 5.70 -14.40
C LEU A 35 -13.13 5.75 -15.78
N GLU A 36 -14.22 4.98 -15.94
CA GLU A 36 -15.03 5.02 -17.16
C GLU A 36 -15.59 6.41 -17.44
N ASP A 37 -16.16 7.02 -16.39
CA ASP A 37 -16.66 8.38 -16.50
C ASP A 37 -15.51 9.30 -16.91
N PHE A 38 -14.41 9.10 -16.21
CA PHE A 38 -13.17 9.86 -16.35
C PHE A 38 -12.61 9.76 -17.77
N THR A 39 -12.53 8.53 -18.28
CA THR A 39 -12.04 8.30 -19.65
C THR A 39 -13.12 8.52 -20.68
N SER A 40 -13.97 9.52 -20.46
CA SER A 40 -15.06 9.83 -21.38
C SER A 40 -15.66 11.19 -21.09
N GLU A 50 -2.26 12.39 -25.88
CA GLU A 50 -2.46 10.95 -26.02
C GLU A 50 -1.45 10.17 -25.17
N ARG A 51 -0.22 10.67 -25.11
CA ARG A 51 0.77 10.13 -24.16
C ARG A 51 0.35 10.49 -22.75
N GLU A 52 -0.20 11.69 -22.63
CA GLU A 52 -0.59 12.26 -21.35
C GLU A 52 -1.77 11.49 -20.75
N THR A 53 -2.55 10.85 -21.61
CA THR A 53 -3.70 10.07 -21.14
C THR A 53 -3.52 8.59 -21.38
N GLN A 54 -2.29 8.17 -21.70
CA GLN A 54 -2.01 6.76 -21.92
C GLN A 54 -2.20 5.96 -20.65
N LEU A 55 -1.81 6.53 -19.51
CA LEU A 55 -1.93 5.85 -18.24
C LEU A 55 -3.39 5.48 -17.94
N SER A 56 -4.28 6.47 -18.01
CA SER A 56 -5.68 6.23 -17.67
C SER A 56 -6.35 5.35 -18.72
N ARG A 57 -6.01 5.54 -19.99
CA ARG A 57 -6.62 4.72 -21.03
C ARG A 57 -6.20 3.25 -20.91
N SER A 58 -4.90 3.02 -20.66
CA SER A 58 -4.41 1.64 -20.58
C SER A 58 -4.91 0.96 -19.30
N LEU A 59 -4.94 1.73 -18.22
CA LEU A 59 -5.52 1.22 -16.96
C LEU A 59 -7.01 0.84 -17.16
N MET A 60 -7.76 1.72 -17.82
CA MET A 60 -9.17 1.46 -18.08
C MET A 60 -9.34 0.18 -18.91
N GLN A 61 -8.52 0.03 -19.94
CA GLN A 61 -8.63 -1.16 -20.79
C GLN A 61 -8.39 -2.45 -20.00
N LEU A 62 -7.33 -2.46 -19.19
CA LEU A 62 -7.05 -3.62 -18.34
C LEU A 62 -8.16 -3.91 -17.32
N LEU A 63 -8.61 -2.89 -16.60
CA LEU A 63 -9.64 -3.11 -15.57
C LEU A 63 -10.93 -3.62 -16.19
N LYS A 64 -11.30 -3.10 -17.35
CA LYS A 64 -12.49 -3.57 -18.03
C LYS A 64 -12.32 -5.04 -18.41
N ALA A 65 -11.15 -5.41 -18.91
CA ALA A 65 -10.97 -6.82 -19.32
C ALA A 65 -10.90 -7.74 -18.10
N LEU A 66 -10.59 -7.15 -16.95
CA LEU A 66 -10.43 -7.90 -15.69
C LEU A 66 -11.72 -7.92 -14.83
N SER A 67 -12.79 -7.33 -15.33
CA SER A 67 -14.03 -7.22 -14.57
C SER A 67 -15.23 -7.66 -15.40
N SER A 68 -14.99 -8.58 -16.33
CA SER A 68 -16.05 -8.99 -17.26
C SER A 68 -16.64 -10.33 -16.85
N HIS A 69 -17.97 -10.37 -16.69
CA HIS A 69 -18.64 -11.62 -16.33
C HIS A 69 -18.53 -12.64 -17.46
N VAL A 70 -18.74 -12.18 -18.70
CA VAL A 70 -18.53 -13.06 -19.86
C VAL A 70 -17.04 -13.11 -20.19
N PRO A 71 -16.46 -14.31 -20.23
CA PRO A 71 -15.02 -14.47 -20.49
C PRO A 71 -14.64 -13.85 -21.83
N GLY A 72 -13.50 -13.17 -21.86
CA GLY A 72 -13.05 -12.51 -23.07
C GLY A 72 -12.24 -13.43 -23.96
N GLU A 73 -11.70 -12.87 -25.04
CA GLU A 73 -10.94 -13.67 -26.01
C GLU A 73 -9.57 -14.10 -25.49
N ASP A 74 -9.05 -13.40 -24.50
CA ASP A 74 -7.67 -13.62 -24.06
C ASP A 74 -7.57 -14.15 -22.64
N ASP A 75 -6.90 -15.29 -22.48
CA ASP A 75 -6.65 -15.90 -21.18
C ASP A 75 -5.64 -15.13 -20.34
N VAL A 76 -4.69 -14.46 -21.00
CA VAL A 76 -3.63 -13.73 -20.29
C VAL A 76 -3.44 -12.36 -20.97
N LEU A 77 -3.39 -11.28 -20.18
CA LEU A 77 -3.30 -9.93 -20.74
C LEU A 77 -1.89 -9.34 -20.63
N ASP A 78 -1.60 -8.43 -21.54
CA ASP A 78 -0.31 -7.75 -21.62
C ASP A 78 -0.48 -6.31 -21.12
N ALA A 79 0.04 -6.04 -19.92
CA ALA A 79 -0.11 -4.73 -19.30
C ALA A 79 0.98 -3.74 -19.75
N GLY A 80 1.56 -3.99 -20.92
CA GLY A 80 2.67 -3.19 -21.42
C GLY A 80 2.43 -1.70 -21.62
N GLY A 81 1.25 -1.30 -22.09
CA GLY A 81 0.95 0.12 -22.25
C GLY A 81 0.96 0.87 -20.92
N LEU A 82 0.48 0.20 -19.88
CA LEU A 82 0.46 0.80 -18.57
C LEU A 82 1.86 0.89 -17.99
N LEU A 83 2.62 -0.19 -18.09
CA LEU A 83 4.00 -0.20 -17.58
C LEU A 83 4.83 0.86 -18.30
N GLU A 84 4.68 0.93 -19.61
CA GLU A 84 5.37 1.92 -20.40
C GLU A 84 5.02 3.35 -19.95
N ALA A 85 3.73 3.61 -19.78
CA ALA A 85 3.29 4.96 -19.39
C ALA A 85 3.89 5.32 -18.04
N LEU A 86 3.89 4.36 -17.13
CA LEU A 86 4.48 4.55 -15.83
C LEU A 86 5.95 4.90 -15.91
N ARG A 87 6.73 3.95 -16.45
CA ARG A 87 8.18 4.09 -16.51
C ARG A 87 8.64 5.34 -17.26
N LEU A 88 7.95 5.69 -18.32
CA LEU A 88 8.38 6.80 -19.17
C LEU A 88 7.86 8.17 -18.74
N TYR A 89 6.66 8.22 -18.18
CA TYR A 89 5.98 9.52 -18.00
C TYR A 89 5.61 9.87 -16.56
N ARG A 90 5.53 8.90 -15.65
CA ARG A 90 5.03 9.21 -14.31
C ARG A 90 5.91 8.75 -13.15
N TRP A 91 6.44 7.54 -13.26
CA TRP A 91 7.16 6.93 -12.15
C TRP A 91 8.36 6.22 -12.75
N HIS A 92 9.51 6.87 -12.70
CA HIS A 92 10.61 6.45 -13.54
C HIS A 92 11.40 5.34 -12.88
N ILE A 93 10.74 4.19 -12.76
CA ILE A 93 11.31 3.00 -12.17
C ILE A 93 12.11 2.22 -13.22
N SER A 94 13.08 1.44 -12.78
CA SER A 94 13.88 0.62 -13.69
C SER A 94 13.08 -0.58 -14.21
N SER A 95 13.57 -1.20 -15.29
CA SER A 95 12.79 -2.23 -15.96
C SER A 95 12.58 -3.52 -15.16
N PHE A 96 13.53 -3.86 -14.30
CA PHE A 96 13.50 -5.19 -13.72
C PHE A 96 13.53 -5.21 -12.20
N GLU A 97 13.34 -4.04 -11.60
CA GLU A 97 13.35 -3.90 -10.15
C GLU A 97 11.98 -4.24 -9.51
N GLU A 98 12.00 -4.94 -8.39
CA GLU A 98 10.76 -5.19 -7.63
C GLU A 98 10.31 -3.88 -6.98
N GLN A 99 9.01 -3.71 -6.80
CA GLN A 99 8.45 -2.49 -6.23
C GLN A 99 7.36 -2.85 -5.25
N ASP A 100 6.87 -1.84 -4.54
CA ASP A 100 5.83 -1.99 -3.53
C ASP A 100 4.49 -1.70 -4.20
N ALA A 101 3.55 -2.63 -4.11
CA ALA A 101 2.22 -2.41 -4.69
C ALA A 101 1.54 -1.20 -4.09
N HIS A 102 1.83 -0.92 -2.81
CA HIS A 102 1.23 0.24 -2.16
C HIS A 102 1.77 1.54 -2.76
N GLU A 103 3.06 1.53 -3.06
CA GLU A 103 3.65 2.74 -3.66
C GLU A 103 3.07 2.94 -5.07
N LEU A 104 2.86 1.86 -5.80
CA LEU A 104 2.22 1.95 -7.12
C LEU A 104 0.81 2.50 -7.01
N PHE A 105 0.08 2.03 -5.99
CA PHE A 105 -1.28 2.47 -5.76
C PHE A 105 -1.34 3.99 -5.63
N HIS A 106 -0.46 4.55 -4.78
CA HIS A 106 -0.44 6.02 -4.68
C HIS A 106 0.02 6.72 -5.97
N VAL A 107 0.93 6.12 -6.71
CA VAL A 107 1.28 6.68 -8.01
C VAL A 107 0.08 6.76 -8.95
N LEU A 108 -0.76 5.73 -8.93
CA LEU A 108 -1.91 5.69 -9.83
C LEU A 108 -2.97 6.69 -9.44
N THR A 109 -3.33 6.71 -8.16
CA THR A 109 -4.37 7.68 -7.75
C THR A 109 -3.89 9.11 -8.01
N SER A 110 -2.64 9.41 -7.67
CA SER A 110 -2.17 10.79 -7.89
C SER A 110 -2.04 11.12 -9.39
N SER A 111 -1.55 10.18 -10.19
CA SER A 111 -1.43 10.43 -11.63
C SER A 111 -2.81 10.65 -12.26
N LEU A 112 -3.79 9.87 -11.81
CA LEU A 112 -5.15 9.98 -12.34
C LEU A 112 -5.77 11.30 -11.96
N GLU A 113 -5.56 11.72 -10.72
CA GLU A 113 -6.05 13.02 -10.29
C GLU A 113 -5.36 14.14 -11.07
N GLU A 114 -4.09 13.95 -11.42
CA GLU A 114 -3.37 14.94 -12.22
C GLU A 114 -3.87 15.01 -13.67
N GLU A 115 -4.19 13.87 -14.25
CA GLU A 115 -4.87 13.85 -15.56
C GLU A 115 -6.22 14.56 -15.46
N GLN A 116 -6.89 14.40 -14.32
CA GLN A 116 -8.18 15.02 -14.07
C GLN A 116 -8.10 16.55 -14.11
N GLU A 117 -7.22 17.11 -13.29
CA GLU A 117 -7.04 18.56 -13.24
C GLU A 117 -6.09 19.05 -14.35
N ARG A 118 -6.37 18.63 -15.57
CA ARG A 118 -5.56 19.03 -16.72
C ARG A 118 -6.44 19.30 -17.93
N ARG A 158 -16.45 17.34 -12.06
CA ARG A 158 -15.34 16.44 -11.82
C ARG A 158 -15.31 15.96 -10.37
N THR A 159 -15.72 14.71 -10.15
CA THR A 159 -15.76 14.15 -8.81
C THR A 159 -14.42 13.51 -8.45
N ARG A 160 -14.10 13.48 -7.17
CA ARG A 160 -12.87 12.84 -6.74
C ARG A 160 -12.98 11.32 -6.92
N HIS A 161 -11.85 10.65 -7.07
CA HIS A 161 -11.85 9.21 -7.21
C HIS A 161 -12.40 8.57 -5.93
N PRO A 162 -13.00 7.36 -6.04
CA PRO A 162 -13.75 6.84 -4.90
C PRO A 162 -12.89 6.25 -3.79
N PHE A 163 -11.56 6.26 -3.93
CA PHE A 163 -10.72 5.85 -2.79
C PHE A 163 -10.46 7.02 -1.84
N HIS A 164 -10.83 8.22 -2.26
CA HIS A 164 -10.50 9.43 -1.50
C HIS A 164 -11.37 9.59 -0.25
N GLY A 165 -10.72 9.72 0.90
CA GLY A 165 -11.43 10.03 2.12
C GLY A 165 -10.78 11.21 2.82
N ARG A 166 -11.24 11.55 4.02
CA ARG A 166 -10.57 12.56 4.81
C ARG A 166 -10.42 12.11 6.26
N LEU A 167 -9.25 12.37 6.81
CA LEU A 167 -8.98 12.27 8.24
C LEU A 167 -9.22 13.61 8.93
N THR A 168 -9.61 13.52 10.19
CA THR A 168 -9.70 14.68 11.04
C THR A 168 -8.53 14.61 12.03
N SER A 169 -7.84 15.73 12.19
CA SER A 169 -6.71 15.79 13.10
C SER A 169 -6.95 16.90 14.10
N TYR A 170 -7.14 16.45 15.35
CA TYR A 170 -7.38 17.29 16.51
C TYR A 170 -6.17 17.32 17.44
N MET A 171 -5.83 18.51 17.94
CA MET A 171 -4.78 18.60 18.94
C MET A 171 -4.97 19.81 19.84
N ALA A 172 -4.54 19.66 21.09
CA ALA A 172 -4.70 20.72 22.08
C ALA A 172 -3.54 20.70 23.07
N CYS A 173 -3.15 21.87 23.55
CA CYS A 173 -2.08 21.99 24.53
C CYS A 173 -2.58 21.58 25.92
N LYS A 174 -1.84 20.74 26.61
CA LYS A 174 -2.28 20.34 27.95
C LYS A 174 -2.07 21.44 28.98
N ARG A 175 -1.15 22.37 28.72
CA ARG A 175 -0.85 23.42 29.70
C ARG A 175 -1.92 24.51 29.73
N CYS A 176 -2.46 24.85 28.57
CA CYS A 176 -3.46 25.93 28.50
C CYS A 176 -4.79 25.46 27.91
N GLU A 177 -4.81 24.21 27.45
CA GLU A 177 -6.01 23.57 26.90
C GLU A 177 -6.59 24.30 25.67
N GLN A 178 -5.80 25.20 25.09
CA GLN A 178 -6.15 25.78 23.82
C GLN A 178 -6.09 24.71 22.74
N GLN A 179 -7.14 24.62 21.94
CA GLN A 179 -7.20 23.65 20.86
C GLN A 179 -6.66 24.26 19.56
N SER A 180 -5.85 23.50 18.84
CA SER A 180 -5.32 23.95 17.56
C SER A 180 -6.39 23.87 16.48
N PRO A 181 -6.23 24.64 15.39
CA PRO A 181 -7.08 24.48 14.20
C PRO A 181 -7.13 23.03 13.73
N VAL A 182 -8.31 22.57 13.32
CA VAL A 182 -8.50 21.19 12.92
C VAL A 182 -7.96 20.95 11.50
N HIS A 183 -7.20 19.87 11.32
CA HIS A 183 -6.73 19.52 9.98
C HIS A 183 -7.63 18.47 9.33
N TYR A 184 -8.15 18.75 8.13
CA TYR A 184 -8.94 17.75 7.40
C TYR A 184 -8.15 17.23 6.20
N ASP A 185 -7.37 16.17 6.42
CA ASP A 185 -6.42 15.70 5.41
C ASP A 185 -6.96 14.60 4.51
N SER A 186 -6.78 14.76 3.21
CA SER A 186 -7.14 13.70 2.27
C SER A 186 -6.40 12.40 2.63
N PHE A 187 -7.01 11.27 2.34
CA PHE A 187 -6.23 10.04 2.30
C PHE A 187 -6.68 9.22 1.09
N ASP A 188 -5.75 8.46 0.52
CA ASP A 188 -6.12 7.52 -0.52
C ASP A 188 -6.08 6.09 0.00
N SER A 189 -5.33 5.89 1.09
CA SER A 189 -5.30 4.62 1.80
C SER A 189 -5.09 4.90 3.28
N LEU A 190 -5.42 3.93 4.13
CA LEU A 190 -5.10 4.00 5.55
C LEU A 190 -3.91 3.09 5.85
N SER A 191 -2.76 3.68 6.17
CA SER A 191 -1.57 2.88 6.47
C SER A 191 -1.52 2.58 7.96
N LEU A 192 -1.92 1.37 8.33
CA LEU A 192 -2.03 1.00 9.73
C LEU A 192 -0.77 0.28 10.21
N SER A 193 -0.19 0.75 11.32
CA SER A 193 0.89 -0.03 11.90
C SER A 193 0.27 -1.15 12.69
N ILE A 194 0.97 -2.27 12.75
CA ILE A 194 0.48 -3.47 13.43
C ILE A 194 1.00 -3.49 14.86
N PRO A 195 0.08 -3.48 15.83
CA PRO A 195 0.46 -3.52 17.25
C PRO A 195 1.12 -4.86 17.63
N SER A 196 1.73 -4.92 18.79
CA SER A 196 2.20 -6.21 19.32
C SER A 196 1.30 -6.72 20.45
N ARG A 201 -1.95 -14.57 21.74
CA ARG A 201 -2.89 -13.50 21.41
C ARG A 201 -2.68 -12.99 19.99
N PRO A 202 -3.68 -13.19 19.12
CA PRO A 202 -3.62 -12.75 17.73
C PRO A 202 -4.01 -11.27 17.56
N VAL A 203 -3.50 -10.65 16.51
CA VAL A 203 -3.79 -9.25 16.22
C VAL A 203 -4.97 -9.14 15.26
N THR A 204 -5.87 -8.20 15.49
CA THR A 204 -7.03 -8.07 14.61
C THR A 204 -6.95 -6.77 13.85
N LEU A 205 -7.67 -6.70 12.72
CA LEU A 205 -7.76 -5.46 11.96
C LEU A 205 -8.35 -4.36 12.83
N ASP A 206 -9.34 -4.74 13.64
CA ASP A 206 -9.98 -3.78 14.53
C ASP A 206 -9.00 -3.19 15.53
N GLN A 207 -8.08 -4.00 16.06
CA GLN A 207 -7.04 -3.46 16.96
C GLN A 207 -6.11 -2.48 16.22
N CYS A 208 -5.84 -2.75 14.95
CA CYS A 208 -5.03 -1.83 14.14
C CYS A 208 -5.75 -0.50 13.94
N LEU A 209 -7.04 -0.58 13.60
CA LEU A 209 -7.85 0.64 13.42
C LEU A 209 -7.91 1.44 14.72
N GLN A 210 -8.16 0.72 15.81
CA GLN A 210 -8.28 1.33 17.13
C GLN A 210 -6.99 2.05 17.49
N HIS A 211 -5.86 1.40 17.23
CA HIS A 211 -4.57 2.01 17.50
C HIS A 211 -4.38 3.25 16.63
N PHE A 212 -4.81 3.15 15.37
CA PHE A 212 -4.72 4.29 14.43
C PHE A 212 -5.43 5.53 14.95
N ILE A 213 -6.64 5.37 15.49
CA ILE A 213 -7.40 6.54 15.89
C ILE A 213 -7.29 6.89 17.37
N SER A 214 -6.45 6.17 18.11
CA SER A 214 -6.36 6.41 19.55
C SER A 214 -5.60 7.70 19.80
N SER A 215 -5.96 8.42 20.86
CA SER A 215 -5.28 9.67 21.17
C SER A 215 -3.89 9.40 21.72
N GLU A 216 -2.99 10.35 21.56
CA GLU A 216 -1.65 10.21 22.12
C GLU A 216 -1.17 11.53 22.67
N THR A 217 -0.16 11.48 23.53
CA THR A 217 0.47 12.69 24.04
C THR A 217 1.84 12.87 23.41
N ILE A 218 2.15 14.10 23.05
CA ILE A 218 3.40 14.43 22.39
C ILE A 218 4.05 15.57 23.15
N LYS A 219 5.32 15.39 23.49
CA LYS A 219 6.06 16.37 24.29
C LYS A 219 6.78 17.38 23.39
N GLU A 220 7.23 18.48 24.01
CA GLU A 220 8.01 19.51 23.33
C GLU A 220 7.34 19.96 22.02
N VAL A 221 6.07 20.31 22.11
CA VAL A 221 5.33 20.87 20.99
C VAL A 221 5.18 22.37 21.19
N GLU A 222 5.48 23.16 20.15
CA GLU A 222 5.35 24.61 20.26
C GLU A 222 3.92 25.01 20.58
N CYS A 223 3.75 25.90 21.55
CA CYS A 223 2.46 26.52 21.79
C CYS A 223 2.65 28.03 21.85
N GLU A 224 2.18 28.73 20.83
CA GLU A 224 2.34 30.19 20.78
C GLU A 224 1.66 30.84 21.96
N ASN A 225 0.50 30.29 22.33
CA ASN A 225 -0.26 30.77 23.46
C ASN A 225 0.57 30.75 24.74
N CYS A 226 1.09 29.59 25.10
CA CYS A 226 1.91 29.48 26.31
C CYS A 226 3.21 30.26 26.19
N THR A 227 3.68 30.46 24.96
CA THR A 227 4.86 31.27 24.71
C THR A 227 4.58 32.74 25.08
N LYS A 228 3.37 33.20 24.80
CA LYS A 228 3.02 34.59 25.08
C LYS A 228 2.51 34.80 26.50
N GLN A 229 2.09 33.72 27.16
CA GLN A 229 1.70 33.82 28.57
C GLN A 229 2.92 33.60 29.46
N GLN A 230 4.10 33.74 28.87
CA GLN A 230 5.36 33.51 29.56
C GLN A 230 6.06 34.82 29.88
N ALA A 231 6.50 34.97 31.13
CA ALA A 231 7.25 36.14 31.52
C ALA A 231 8.63 36.13 30.88
N GLY A 232 9.06 37.27 30.36
CA GLY A 232 10.39 37.39 29.78
C GLY A 232 11.43 37.37 30.87
N GLU A 233 12.68 37.12 30.50
CA GLU A 233 13.74 37.06 31.51
C GLU A 233 14.85 38.07 31.27
N LEU A 234 15.10 38.89 32.27
CA LEU A 234 16.14 39.89 32.22
C LEU A 234 17.52 39.25 32.17
N VAL A 235 18.14 39.25 31.00
CA VAL A 235 19.48 38.70 30.84
C VAL A 235 20.53 39.79 30.60
N GLY A 237 19.42 43.11 28.21
CA GLY A 237 18.45 42.57 27.27
C GLY A 237 17.47 41.63 27.95
N GLU A 238 16.41 41.27 27.23
CA GLU A 238 15.42 40.33 27.73
C GLU A 238 15.16 39.22 26.73
N VAL A 239 15.13 37.98 27.22
CA VAL A 239 14.87 36.85 26.35
C VAL A 239 13.53 36.19 26.70
N LEU A 240 12.76 35.83 25.69
CA LEU A 240 11.51 35.12 25.88
C LEU A 240 11.59 33.71 25.32
N GLU A 241 11.73 32.73 26.20
CA GLU A 241 11.89 31.34 25.81
C GLU A 241 10.64 30.81 25.12
N SER A 242 10.79 30.30 23.90
CA SER A 242 9.66 29.74 23.18
C SER A 242 9.12 28.52 23.92
N GLN A 243 7.84 28.53 24.23
CA GLN A 243 7.27 27.52 25.11
C GLN A 243 6.85 26.27 24.35
N ARG A 244 7.49 25.16 24.70
CA ARG A 244 7.12 23.87 24.14
C ARG A 244 6.48 23.04 25.24
N THR A 245 5.29 22.52 24.94
CA THR A 245 4.43 21.91 25.95
C THR A 245 3.98 20.53 25.51
N THR A 246 3.23 19.87 26.37
CA THR A 246 2.65 18.59 26.03
C THR A 246 1.29 18.78 25.39
N PHE A 247 1.10 18.16 24.24
CA PHE A 247 -0.16 18.20 23.50
C PHE A 247 -0.81 16.83 23.50
N VAL A 248 -2.13 16.80 23.47
CA VAL A 248 -2.83 15.57 23.11
C VAL A 248 -3.13 15.69 21.62
N LYS A 249 -2.94 14.60 20.89
CA LYS A 249 -3.21 14.57 19.46
C LYS A 249 -4.02 13.32 19.13
N GLN A 250 -4.87 13.41 18.12
CA GLN A 250 -5.67 12.26 17.73
C GLN A 250 -6.14 12.39 16.29
N LEU A 251 -6.05 11.29 15.54
CA LEU A 251 -6.63 11.21 14.22
C LEU A 251 -7.98 10.51 14.31
N LYS A 252 -8.96 11.03 13.60
CA LYS A 252 -10.26 10.35 13.50
C LYS A 252 -10.66 10.22 12.03
N LEU A 253 -11.53 9.25 11.72
CA LEU A 253 -12.01 9.12 10.36
C LEU A 253 -13.06 10.19 10.11
N GLY A 254 -12.81 11.03 9.11
CA GLY A 254 -13.71 12.10 8.76
C GLY A 254 -14.65 11.65 7.66
N LYS A 255 -14.25 11.85 6.41
CA LYS A 255 -15.08 11.42 5.30
C LYS A 255 -14.62 10.04 4.86
N LEU A 256 -15.57 9.11 4.75
CA LEU A 256 -15.23 7.76 4.34
C LEU A 256 -15.45 7.59 2.83
N PRO A 257 -14.52 6.91 2.15
CA PRO A 257 -14.60 6.72 0.70
C PRO A 257 -15.56 5.59 0.31
N GLN A 258 -15.96 5.54 -0.96
CA GLN A 258 -16.78 4.44 -1.45
C GLN A 258 -15.92 3.18 -1.60
N CYS A 259 -14.68 3.37 -2.06
CA CYS A 259 -13.69 2.30 -2.11
C CYS A 259 -12.66 2.53 -1.03
N LEU A 260 -12.37 1.50 -0.25
CA LEU A 260 -11.45 1.64 0.86
C LEU A 260 -10.23 0.78 0.64
N CYS A 261 -9.04 1.39 0.72
CA CYS A 261 -7.79 0.66 0.70
C CYS A 261 -7.11 0.75 2.07
N ILE A 262 -7.01 -0.39 2.74
CA ILE A 262 -6.29 -0.46 4.00
C ILE A 262 -4.94 -1.09 3.74
N HIS A 263 -3.91 -0.41 4.23
CA HIS A 263 -2.52 -0.84 4.05
C HIS A 263 -1.99 -1.29 5.39
N LEU A 264 -1.69 -2.58 5.54
CA LEU A 264 -1.14 -3.08 6.79
C LEU A 264 0.36 -3.00 6.69
N GLN A 265 0.98 -2.21 7.58
CA GLN A 265 2.42 -1.96 7.48
C GLN A 265 3.26 -3.14 7.95
N ARG A 266 3.48 -4.09 7.05
CA ARG A 266 4.26 -5.28 7.39
C ARG A 266 5.77 -5.03 7.39
N LEU A 267 6.22 -3.95 6.76
CA LEU A 267 7.64 -3.63 6.78
C LEU A 267 7.92 -2.52 7.79
N THR A 268 8.70 -2.86 8.81
CA THR A 268 9.08 -1.89 9.83
C THR A 268 10.58 -1.90 10.08
N TRP A 269 10.99 -1.20 11.13
CA TRP A 269 12.39 -0.99 11.44
C TRP A 269 12.73 -1.64 12.77
N SER A 270 13.79 -2.45 12.79
CA SER A 270 14.18 -3.15 14.02
C SER A 270 14.93 -2.22 14.97
N LYS A 271 15.02 -2.65 16.23
CA LYS A 271 15.81 -1.92 17.22
C LYS A 271 17.28 -1.90 16.81
N GLU A 272 17.70 -2.93 16.08
CA GLU A 272 19.09 -3.05 15.63
C GLU A 272 19.36 -2.25 14.36
N GLY A 273 18.35 -1.53 13.88
CA GLY A 273 18.52 -0.65 12.74
C GLY A 273 18.50 -1.36 11.40
N SER A 274 17.56 -2.28 11.25
CA SER A 274 17.43 -3.05 10.02
C SER A 274 15.96 -3.27 9.71
N PRO A 275 15.60 -3.36 8.43
CA PRO A 275 14.19 -3.59 8.09
C PRO A 275 13.77 -5.00 8.49
N ILE A 276 12.54 -5.14 9.00
CA ILE A 276 12.00 -6.44 9.36
C ILE A 276 10.55 -6.56 8.89
N LYS A 277 10.19 -7.74 8.42
CA LYS A 277 8.84 -7.94 7.92
C LYS A 277 7.99 -8.68 8.93
N ARG A 278 6.83 -8.13 9.21
CA ARG A 278 5.87 -8.78 10.09
C ARG A 278 5.11 -9.83 9.30
N GLN A 279 5.27 -11.09 9.70
CA GLN A 279 4.71 -12.23 8.97
C GLN A 279 3.40 -12.72 9.59
N GLU A 280 3.12 -12.29 10.81
CA GLU A 280 2.01 -12.87 11.56
C GLU A 280 0.66 -12.54 10.94
N HIS A 281 -0.28 -13.45 11.11
CA HIS A 281 -1.64 -13.24 10.66
C HIS A 281 -2.23 -12.00 11.32
N VAL A 282 -2.99 -11.24 10.54
CA VAL A 282 -3.81 -10.18 11.10
C VAL A 282 -5.26 -10.53 10.78
N GLN A 283 -6.04 -10.77 11.82
CA GLN A 283 -7.40 -11.27 11.66
C GLN A 283 -8.32 -10.18 11.09
N PHE A 284 -8.92 -10.44 9.92
CA PHE A 284 -9.84 -9.49 9.32
C PHE A 284 -11.13 -10.19 8.89
N THR A 285 -12.17 -9.42 8.58
CA THR A 285 -13.49 -9.96 8.30
C THR A 285 -13.99 -9.56 6.90
N GLU A 286 -14.94 -10.32 6.37
CA GLU A 286 -15.54 -9.98 5.08
C GLU A 286 -16.28 -8.65 5.16
N TYR A 287 -16.90 -8.40 6.32
CA TYR A 287 -17.63 -7.16 6.53
C TYR A 287 -16.97 -6.30 7.62
N LEU A 288 -16.80 -5.03 7.32
CA LEU A 288 -16.13 -4.11 8.23
C LEU A 288 -17.01 -2.89 8.50
N SER A 289 -17.43 -2.74 9.76
CA SER A 289 -18.19 -1.56 10.18
C SER A 289 -17.20 -0.50 10.67
N LEU A 290 -17.27 0.71 10.12
CA LEU A 290 -16.35 1.76 10.55
C LEU A 290 -17.00 2.83 11.44
N ASP A 291 -18.26 2.61 11.83
CA ASP A 291 -18.98 3.56 12.67
C ASP A 291 -18.20 3.94 13.94
N ARG A 292 -17.54 2.96 14.55
CA ARG A 292 -16.73 3.17 15.75
C ARG A 292 -15.63 4.23 15.59
N TYR A 293 -15.03 4.29 14.42
CA TYR A 293 -13.82 5.08 14.21
C TYR A 293 -14.11 6.47 13.65
N LYS A 294 -15.39 6.81 13.55
CA LYS A 294 -15.80 8.16 13.17
C LYS A 294 -16.00 9.05 14.39
N ALA A 321 -10.51 26.10 9.80
CA ALA A 321 -10.10 24.74 9.47
C ALA A 321 -9.00 24.72 8.41
N ILE A 322 -8.29 23.61 8.35
CA ILE A 322 -7.22 23.41 7.37
C ILE A 322 -7.43 22.10 6.63
N ALA A 323 -7.51 22.18 5.30
CA ALA A 323 -7.71 21.00 4.46
C ALA A 323 -6.56 20.87 3.46
N ASN A 324 -5.84 19.75 3.53
CA ASN A 324 -4.64 19.54 2.73
C ASN A 324 -3.65 20.71 2.75
N GLY A 325 -3.53 21.37 3.89
CA GLY A 325 -2.62 22.50 4.04
C GLY A 325 -3.22 23.85 3.74
N VAL A 326 -4.36 23.87 3.04
CA VAL A 326 -5.02 25.11 2.67
C VAL A 326 -6.16 25.45 3.63
N ASP A 327 -6.17 26.68 4.14
CA ASP A 327 -7.24 27.14 5.03
C ASP A 327 -8.61 27.07 4.32
N SER A 328 -9.54 26.33 4.92
CA SER A 328 -10.84 26.08 4.31
C SER A 328 -11.98 26.40 5.27
N GLU A 329 -13.20 26.15 4.81
CA GLU A 329 -14.40 26.41 5.60
C GLU A 329 -15.03 25.11 6.12
N HIS A 330 -15.59 25.17 7.32
CA HIS A 330 -16.25 24.02 7.93
C HIS A 330 -17.51 24.42 8.69
N CYS A 331 -18.64 23.76 8.37
CA CYS A 331 -19.89 23.99 9.08
C CYS A 331 -20.31 22.73 9.84
N SER A 365 -25.57 -0.48 10.84
CA SER A 365 -24.29 0.17 10.56
C SER A 365 -24.39 1.12 9.38
N GLU A 366 -23.99 2.37 9.60
CA GLU A 366 -24.02 3.41 8.58
C GLU A 366 -22.85 3.31 7.61
N TYR A 367 -21.71 2.84 8.12
CA TYR A 367 -20.51 2.76 7.33
C TYR A 367 -20.05 1.32 7.23
N LEU A 368 -20.79 0.55 6.45
CA LEU A 368 -20.55 -0.87 6.31
C LEU A 368 -19.87 -1.14 4.99
N PHE A 369 -18.73 -1.82 5.05
CA PHE A 369 -17.89 -2.14 3.90
C PHE A 369 -17.79 -3.65 3.68
N ARG A 370 -17.83 -4.05 2.41
CA ARG A 370 -17.69 -5.45 2.06
C ARG A 370 -16.36 -5.68 1.36
N LEU A 371 -15.61 -6.64 1.86
CA LEU A 371 -14.30 -6.96 1.31
C LEU A 371 -14.44 -7.38 -0.17
N THR A 372 -13.57 -6.88 -1.04
CA THR A 372 -13.62 -7.35 -2.42
C THR A 372 -12.29 -7.92 -2.86
N ALA A 373 -11.19 -7.48 -2.24
CA ALA A 373 -9.90 -8.07 -2.61
C ALA A 373 -8.89 -8.01 -1.46
N VAL A 374 -7.96 -8.96 -1.47
CA VAL A 374 -6.86 -8.99 -0.51
C VAL A 374 -5.58 -9.22 -1.29
N LEU A 375 -4.69 -8.24 -1.25
CA LEU A 375 -3.38 -8.34 -1.87
C LEU A 375 -2.39 -8.79 -0.80
N VAL A 376 -1.64 -9.84 -1.14
CA VAL A 376 -0.75 -10.53 -0.19
C VAL A 376 0.69 -10.41 -0.66
N HIS A 377 1.59 -10.06 0.26
CA HIS A 377 3.03 -10.15 0.01
C HIS A 377 3.60 -11.47 0.54
N HIS A 378 4.27 -12.20 -0.34
CA HIS A 378 5.00 -13.40 0.06
C HIS A 378 6.51 -13.12 -0.02
N GLY A 379 7.23 -13.25 1.08
CA GLY A 379 8.68 -13.06 1.05
C GLY A 379 9.19 -12.39 2.30
N ASP A 380 10.39 -11.82 2.24
CA ASP A 380 11.00 -11.20 3.42
C ASP A 380 11.02 -9.68 3.30
N MET A 381 11.94 -9.03 4.02
CA MET A 381 11.96 -7.58 4.08
C MET A 381 12.47 -6.92 2.80
N HIS A 382 13.13 -7.70 1.95
CA HIS A 382 13.84 -7.14 0.80
C HIS A 382 13.22 -7.46 -0.56
N SER A 383 12.48 -8.55 -0.64
CA SER A 383 11.97 -9.00 -1.94
C SER A 383 10.90 -10.08 -1.77
N GLY A 384 10.31 -10.45 -2.90
CA GLY A 384 9.31 -11.51 -2.88
C GLY A 384 8.37 -11.48 -4.05
N HIS A 385 7.10 -11.67 -3.73
CA HIS A 385 6.06 -11.86 -4.72
C HIS A 385 4.80 -11.22 -4.17
N PHE A 386 3.89 -10.82 -5.06
CA PHE A 386 2.57 -10.36 -4.66
C PHE A 386 1.51 -11.21 -5.35
N ILE A 387 0.51 -11.67 -4.60
CA ILE A 387 -0.64 -12.32 -5.23
C ILE A 387 -1.89 -11.60 -4.80
N THR A 388 -3.01 -11.86 -5.47
CA THR A 388 -4.28 -11.24 -5.05
C THR A 388 -5.41 -12.24 -4.96
N TYR A 389 -6.11 -12.25 -3.83
CA TYR A 389 -7.44 -12.85 -3.73
C TYR A 389 -8.47 -11.81 -4.14
N ARG A 390 -9.42 -12.19 -4.97
CA ARG A 390 -10.42 -11.22 -5.42
C ARG A 390 -11.74 -11.90 -5.71
N ARG A 391 -12.83 -11.15 -5.55
CA ARG A 391 -14.11 -11.64 -6.02
C ARG A 391 -14.10 -11.84 -7.54
N CYS A 392 -14.87 -12.81 -8.01
CA CYS A 392 -15.24 -12.91 -9.41
C CYS A 392 -15.98 -11.64 -9.82
N PRO A 393 -15.97 -11.32 -11.12
CA PRO A 393 -16.78 -10.20 -11.61
C PRO A 393 -18.25 -10.42 -11.31
N ALA A 394 -18.96 -9.33 -11.00
CA ALA A 394 -20.39 -9.38 -10.74
C ALA A 394 -21.13 -9.95 -11.93
N ALA A 395 -22.13 -10.76 -11.65
CA ALA A 395 -22.98 -11.34 -12.68
C ALA A 395 -24.23 -10.49 -12.82
N PRO A 396 -24.77 -10.40 -14.03
CA PRO A 396 -25.98 -9.60 -14.29
C PRO A 396 -27.19 -10.01 -13.45
N ARG A 397 -27.37 -11.30 -13.22
CA ARG A 397 -28.56 -11.80 -12.53
C ARG A 397 -28.29 -12.33 -11.12
N GLY A 398 -27.19 -11.91 -10.51
CA GLY A 398 -26.89 -12.30 -9.14
C GLY A 398 -27.96 -11.79 -8.18
N THR A 399 -28.00 -12.33 -6.97
CA THR A 399 -28.97 -11.87 -5.98
C THR A 399 -28.35 -10.78 -5.11
N SER A 400 -27.07 -10.54 -5.34
CA SER A 400 -26.31 -9.47 -4.70
C SER A 400 -25.56 -8.73 -5.82
N PRO A 401 -25.30 -7.44 -5.62
CA PRO A 401 -24.44 -6.71 -6.56
C PRO A 401 -23.03 -7.30 -6.66
N PHE A 402 -22.66 -8.20 -5.74
CA PHE A 402 -21.32 -8.81 -5.74
C PHE A 402 -21.40 -10.32 -5.91
N SER A 403 -20.36 -10.90 -6.48
CA SER A 403 -20.29 -12.35 -6.62
C SER A 403 -19.84 -12.98 -5.31
N SER A 404 -20.43 -14.11 -4.95
CA SER A 404 -19.98 -14.80 -3.73
C SER A 404 -18.73 -15.66 -3.96
N GLN A 405 -18.28 -15.75 -5.21
CA GLN A 405 -17.14 -16.60 -5.56
C GLN A 405 -15.82 -15.84 -5.56
N TRP A 406 -14.78 -16.50 -5.07
CA TRP A 406 -13.46 -15.90 -5.00
C TRP A 406 -12.46 -16.59 -5.93
N LEU A 407 -11.43 -15.84 -6.28
CA LEU A 407 -10.31 -16.30 -7.07
C LEU A 407 -9.00 -15.97 -6.37
N TRP A 408 -7.97 -16.75 -6.69
CA TRP A 408 -6.58 -16.50 -6.31
C TRP A 408 -5.87 -16.24 -7.63
N VAL A 409 -5.12 -15.16 -7.70
CA VAL A 409 -4.43 -14.82 -8.94
C VAL A 409 -2.96 -14.48 -8.67
N SER A 410 -2.08 -15.21 -9.35
CA SER A 410 -0.65 -14.99 -9.28
C SER A 410 -0.16 -14.79 -10.70
N ASP A 411 -0.02 -13.53 -11.08
CA ASP A 411 0.34 -13.14 -12.44
C ASP A 411 -0.56 -13.84 -13.47
N ASP A 412 -0.01 -14.81 -14.20
CA ASP A 412 -0.76 -15.42 -15.30
C ASP A 412 -1.70 -16.50 -14.80
N SER A 413 -1.43 -17.01 -13.60
CA SER A 413 -2.14 -18.17 -13.09
C SER A 413 -3.38 -17.75 -12.29
N VAL A 414 -4.55 -18.27 -12.66
CA VAL A 414 -5.81 -17.95 -12.00
C VAL A 414 -6.50 -19.22 -11.53
N ARG A 415 -7.01 -19.23 -10.30
CA ARG A 415 -7.77 -20.39 -9.84
C ARG A 415 -8.89 -19.94 -8.90
N LYS A 416 -9.90 -20.77 -8.72
CA LYS A 416 -10.91 -20.49 -7.71
C LYS A 416 -10.30 -20.63 -6.32
N ALA A 417 -10.81 -19.84 -5.38
CA ALA A 417 -10.35 -19.87 -3.98
C ALA A 417 -11.55 -19.81 -3.03
N SER A 418 -11.42 -20.37 -1.83
CA SER A 418 -12.49 -20.30 -0.84
C SER A 418 -12.34 -19.04 0.02
N LEU A 419 -13.47 -18.56 0.56
CA LEU A 419 -13.43 -17.43 1.49
C LEU A 419 -12.59 -17.78 2.72
N GLN A 420 -12.62 -19.05 3.13
CA GLN A 420 -11.75 -19.53 4.21
C GLN A 420 -10.29 -19.24 3.92
N GLU A 421 -9.88 -19.55 2.69
CA GLU A 421 -8.50 -19.36 2.30
C GLU A 421 -8.18 -17.88 2.32
N VAL A 422 -9.13 -17.08 1.84
CA VAL A 422 -8.95 -15.63 1.78
C VAL A 422 -8.71 -15.06 3.17
N LEU A 423 -9.60 -15.40 4.09
CA LEU A 423 -9.56 -14.86 5.45
C LEU A 423 -8.37 -15.37 6.24
N SER A 424 -7.81 -16.49 5.83
CA SER A 424 -6.67 -17.07 6.53
C SER A 424 -5.35 -16.56 5.98
N SER A 425 -5.40 -15.69 4.97
CA SER A 425 -4.17 -15.23 4.33
C SER A 425 -3.51 -14.09 5.08
N SER A 426 -2.27 -13.81 4.68
CA SER A 426 -1.48 -12.72 5.25
C SER A 426 -1.73 -11.41 4.52
N ALA A 427 -2.78 -10.71 4.91
CA ALA A 427 -3.20 -9.52 4.18
C ALA A 427 -2.17 -8.39 4.24
N TYR A 428 -1.92 -7.77 3.11
CA TYR A 428 -1.04 -6.62 3.03
C TYR A 428 -1.87 -5.40 2.63
N LEU A 429 -2.57 -5.51 1.50
CA LEU A 429 -3.54 -4.48 1.13
C LEU A 429 -4.93 -5.09 1.12
N LEU A 430 -5.88 -4.42 1.76
CA LEU A 430 -7.26 -4.87 1.77
C LEU A 430 -8.15 -3.86 1.04
N PHE A 431 -8.99 -4.37 0.13
CA PHE A 431 -9.89 -3.53 -0.64
C PHE A 431 -11.33 -3.86 -0.32
N TYR A 432 -12.11 -2.79 -0.11
CA TYR A 432 -13.52 -2.85 0.26
C TYR A 432 -14.38 -1.92 -0.57
N GLU A 433 -15.64 -2.31 -0.79
CA GLU A 433 -16.66 -1.42 -1.30
C GLU A 433 -17.66 -1.07 -0.19
N ARG A 434 -17.99 0.20 -0.08
CA ARG A 434 -19.04 0.62 0.83
C ARG A 434 -20.37 0.08 0.35
N MET A 435 -21.12 -0.54 1.26
CA MET A 435 -22.45 -1.01 0.92
C MET A 435 -23.47 0.12 1.05
N GLN A 436 -24.43 0.16 0.14
CA GLN A 436 -25.43 1.22 0.07
C GLN A 436 -26.04 1.53 1.44
N ARG A 437 -26.13 2.83 1.74
CA ARG A 437 -26.59 3.31 3.06
C ARG A 437 -27.95 2.75 3.44
N PRO A 438 -28.19 2.61 4.76
CA PRO A 438 -29.48 2.13 5.28
C PRO A 438 -30.57 3.19 5.25
N MET B 1 9.68 26.35 11.95
CA MET B 1 8.32 25.90 12.23
C MET B 1 8.32 24.41 12.56
N GLN B 2 7.28 23.97 13.25
CA GLN B 2 7.17 22.59 13.67
C GLN B 2 6.10 21.84 12.90
N ILE B 3 6.43 20.62 12.46
CA ILE B 3 5.46 19.73 11.85
C ILE B 3 5.50 18.39 12.57
N PHE B 4 4.54 17.52 12.26
CA PHE B 4 4.49 16.19 12.88
C PHE B 4 4.77 15.09 11.87
N VAL B 5 5.40 14.02 12.34
CA VAL B 5 5.58 12.83 11.52
C VAL B 5 5.03 11.62 12.27
N ARG B 6 4.07 10.93 11.68
CA ARG B 6 3.58 9.68 12.24
C ARG B 6 4.55 8.58 11.85
N THR B 7 5.23 8.02 12.85
CA THR B 7 6.30 7.04 12.64
C THR B 7 5.75 5.63 12.39
N LEU B 8 6.66 4.66 12.29
CA LEU B 8 6.28 3.31 11.91
C LEU B 8 5.55 2.56 13.03
N THR B 9 5.52 3.11 14.23
CA THR B 9 4.81 2.43 15.30
C THR B 9 3.51 3.18 15.54
N GLY B 10 3.25 4.20 14.73
CA GLY B 10 2.04 4.98 14.87
C GLY B 10 2.25 6.11 15.87
N LYS B 11 3.43 6.16 16.46
CA LYS B 11 3.74 7.24 17.39
C LYS B 11 4.11 8.46 16.57
N THR B 12 3.65 9.62 17.04
CA THR B 12 3.85 10.86 16.30
C THR B 12 4.91 11.72 16.95
N ILE B 13 5.95 12.01 16.17
CA ILE B 13 7.09 12.82 16.62
C ILE B 13 7.02 14.22 16.03
N THR B 14 7.75 15.15 16.62
CA THR B 14 7.81 16.49 16.07
C THR B 14 9.08 16.66 15.24
N LEU B 15 9.01 17.52 14.21
CA LEU B 15 10.18 17.89 13.43
C LEU B 15 10.26 19.41 13.35
N GLU B 16 11.48 19.92 13.41
CA GLU B 16 11.76 21.33 13.31
C GLU B 16 12.23 21.62 11.88
N VAL B 17 11.46 22.42 11.14
CA VAL B 17 11.70 22.64 9.72
C VAL B 17 11.52 24.10 9.28
N GLU B 18 11.90 24.37 8.04
CA GLU B 18 11.61 25.64 7.36
C GLU B 18 10.77 25.33 6.12
N PRO B 19 9.92 26.27 5.67
CA PRO B 19 9.17 26.00 4.44
C PRO B 19 10.09 25.72 3.25
N SER B 20 11.30 26.28 3.30
CA SER B 20 12.25 26.13 2.21
C SER B 20 12.98 24.77 2.23
N ASP B 21 12.76 23.99 3.28
CA ASP B 21 13.42 22.69 3.37
C ASP B 21 12.95 21.74 2.27
N THR B 22 13.88 20.99 1.70
CA THR B 22 13.54 19.97 0.73
C THR B 22 13.09 18.71 1.45
N ILE B 23 12.44 17.82 0.71
CA ILE B 23 12.01 16.54 1.23
C ILE B 23 13.22 15.69 1.67
N GLU B 24 14.34 15.83 0.95
CA GLU B 24 15.57 15.16 1.37
C GLU B 24 16.03 15.64 2.75
N ASN B 25 15.97 16.94 2.99
CA ASN B 25 16.28 17.53 4.30
C ASN B 25 15.40 16.95 5.39
N VAL B 26 14.10 16.92 5.11
CA VAL B 26 13.12 16.40 6.05
C VAL B 26 13.42 14.95 6.40
N LYS B 27 13.73 14.15 5.37
CA LYS B 27 14.10 12.75 5.56
C LYS B 27 15.37 12.63 6.40
N ALA B 28 16.31 13.56 6.23
CA ALA B 28 17.51 13.58 7.06
C ALA B 28 17.16 13.80 8.53
N LYS B 29 16.22 14.72 8.79
CA LYS B 29 15.82 15.00 10.18
C LYS B 29 15.10 13.80 10.79
N ILE B 30 14.32 13.12 9.96
CA ILE B 30 13.65 11.91 10.41
C ILE B 30 14.69 10.84 10.72
N GLN B 31 15.75 10.75 9.91
CA GLN B 31 16.82 9.79 10.21
C GLN B 31 17.46 10.13 11.54
N ASP B 32 17.66 11.43 11.80
CA ASP B 32 18.24 11.86 13.06
C ASP B 32 17.43 11.34 14.23
N LYS B 33 16.11 11.32 14.09
CA LYS B 33 15.30 10.85 15.22
C LYS B 33 14.96 9.34 15.26
N GLU B 34 14.89 8.69 14.10
CA GLU B 34 14.37 7.33 13.99
C GLU B 34 15.37 6.33 13.43
N GLY B 35 16.49 6.82 12.91
CA GLY B 35 17.54 5.94 12.43
C GLY B 35 17.29 5.29 11.08
N ILE B 36 16.20 5.70 10.43
CA ILE B 36 15.87 5.19 9.11
C ILE B 36 16.54 5.98 7.99
N PRO B 37 17.35 5.30 7.15
CA PRO B 37 18.00 5.96 6.01
C PRO B 37 16.98 6.60 5.08
N PRO B 38 17.26 7.83 4.64
CA PRO B 38 16.36 8.59 3.75
C PRO B 38 15.92 7.82 2.51
N ASP B 39 16.81 7.02 1.94
CA ASP B 39 16.46 6.28 0.73
C ASP B 39 15.48 5.12 0.99
N GLN B 40 15.23 4.83 2.26
CA GLN B 40 14.26 3.79 2.61
C GLN B 40 12.91 4.38 3.06
N GLN B 41 12.86 5.71 3.16
CA GLN B 41 11.67 6.40 3.66
C GLN B 41 10.70 6.77 2.53
N ARG B 42 9.41 6.55 2.78
CA ARG B 42 8.34 7.11 1.95
C ARG B 42 7.49 8.04 2.81
N LEU B 43 7.37 9.30 2.44
CA LEU B 43 6.58 10.24 3.23
C LEU B 43 5.30 10.60 2.49
N ILE B 44 4.19 10.56 3.21
CA ILE B 44 2.90 10.85 2.60
C ILE B 44 2.21 12.01 3.32
N PHE B 45 1.75 12.99 2.55
CA PHE B 45 1.01 14.11 3.12
C PHE B 45 -0.30 14.28 2.38
N ALA B 46 -1.42 14.23 3.12
CA ALA B 46 -2.74 14.38 2.51
C ALA B 46 -2.91 13.42 1.32
N GLY B 47 -2.49 12.18 1.53
CA GLY B 47 -2.56 11.10 0.55
C GLY B 47 -1.62 11.19 -0.64
N LYS B 48 -0.69 12.14 -0.63
CA LYS B 48 0.29 12.27 -1.72
C LYS B 48 1.67 11.93 -1.19
N GLN B 49 2.40 11.08 -1.91
CA GLN B 49 3.76 10.77 -1.52
C GLN B 49 4.69 11.87 -1.99
N LEU B 50 5.48 12.39 -1.07
CA LEU B 50 6.36 13.52 -1.32
C LEU B 50 7.62 13.12 -2.09
N GLU B 51 8.09 13.97 -2.99
CA GLU B 51 9.29 13.58 -3.72
C GLU B 51 10.48 14.48 -3.51
N ASP B 52 11.64 13.85 -3.59
CA ASP B 52 12.90 14.50 -3.36
C ASP B 52 13.00 15.60 -4.41
N GLY B 53 13.59 16.72 -4.04
CA GLY B 53 13.75 17.85 -4.93
C GLY B 53 12.68 18.92 -4.78
N ARG B 54 11.57 18.57 -4.14
CA ARG B 54 10.53 19.54 -3.85
C ARG B 54 10.76 20.08 -2.44
N THR B 55 10.14 21.22 -2.13
CA THR B 55 10.20 21.77 -0.79
C THR B 55 8.85 21.60 -0.07
N LEU B 56 8.86 21.78 1.24
CA LEU B 56 7.61 21.74 2.00
C LEU B 56 6.70 22.83 1.46
N SER B 57 7.29 23.97 1.11
CA SER B 57 6.51 25.08 0.58
C SER B 57 5.80 24.69 -0.72
N ASP B 58 6.44 23.86 -1.54
CA ASP B 58 5.83 23.37 -2.77
C ASP B 58 4.52 22.63 -2.51
N TYR B 59 4.46 21.91 -1.39
CA TYR B 59 3.29 21.11 -1.03
C TYR B 59 2.26 21.78 -0.12
N ASN B 60 2.43 23.07 0.16
CA ASN B 60 1.57 23.78 1.10
C ASN B 60 1.55 23.11 2.47
N ILE B 61 2.71 22.59 2.87
CA ILE B 61 2.85 21.97 4.18
C ILE B 61 3.14 23.08 5.19
N GLN B 62 2.20 23.26 6.11
CA GLN B 62 2.23 24.34 7.10
C GLN B 62 2.64 23.81 8.46
N LYS B 63 2.82 24.71 9.42
CA LYS B 63 3.03 24.33 10.81
C LYS B 63 1.94 23.35 11.26
N GLU B 64 2.36 22.34 12.03
CA GLU B 64 1.44 21.33 12.59
C GLU B 64 0.81 20.43 11.53
N SER B 65 1.34 20.44 10.31
CA SER B 65 0.96 19.44 9.32
C SER B 65 1.42 18.08 9.82
N THR B 66 0.73 17.04 9.38
CA THR B 66 1.09 15.68 9.73
C THR B 66 1.57 14.92 8.49
N LEU B 67 2.81 14.42 8.53
CA LEU B 67 3.31 13.54 7.48
C LEU B 67 3.25 12.11 7.99
N HIS B 68 3.03 11.16 7.10
CA HIS B 68 2.98 9.75 7.46
C HIS B 68 4.19 9.05 6.89
N LEU B 69 4.92 8.35 7.75
CA LEU B 69 6.12 7.62 7.34
C LEU B 69 5.80 6.15 7.15
N VAL B 70 6.08 5.65 5.94
CA VAL B 70 5.99 4.23 5.64
C VAL B 70 7.24 3.76 4.92
N LEU B 71 7.53 2.47 5.00
CA LEU B 71 8.66 1.91 4.28
C LEU B 71 8.20 1.31 2.92
N ARG B 72 9.15 0.76 2.19
CA ARG B 72 8.92 0.25 0.85
C ARG B 72 9.09 -1.26 0.80
N LEU B 73 7.99 -1.99 0.69
CA LEU B 73 8.02 -3.46 0.72
C LEU B 73 7.93 -4.00 -0.71
N ARG B 74 9.05 -4.49 -1.21
CA ARG B 74 9.18 -4.88 -2.62
C ARG B 74 8.75 -6.31 -2.88
N GLY B 75 8.06 -6.52 -4.00
CA GLY B 75 7.74 -7.87 -4.45
C GLY B 75 7.67 -7.87 -5.96
N GLY B 76 8.16 -8.91 -6.61
CA GLY B 76 8.19 -8.93 -8.07
C GLY B 76 7.80 -10.25 -8.73
N MET C 1 4.26 -28.24 0.48
CA MET C 1 4.25 -26.78 0.62
C MET C 1 4.33 -26.12 -0.74
N GLN C 2 3.93 -24.86 -0.81
CA GLN C 2 3.93 -24.14 -2.08
C GLN C 2 5.08 -23.16 -2.20
N ILE C 3 5.77 -23.18 -3.35
CA ILE C 3 6.72 -22.09 -3.64
C ILE C 3 6.43 -21.51 -5.04
N PHE C 4 6.99 -20.34 -5.32
CA PHE C 4 6.78 -19.66 -6.61
C PHE C 4 8.07 -19.68 -7.41
N VAL C 5 7.94 -19.83 -8.72
CA VAL C 5 9.09 -19.72 -9.61
C VAL C 5 8.75 -18.66 -10.65
N LYS C 6 9.35 -17.48 -10.52
CA LYS C 6 9.15 -16.46 -11.53
C LYS C 6 10.08 -16.75 -12.71
N THR C 7 9.53 -16.72 -13.93
CA THR C 7 10.36 -16.82 -15.11
C THR C 7 10.58 -15.45 -15.69
N LEU C 8 11.50 -15.33 -16.65
CA LEU C 8 11.78 -14.05 -17.26
C LEU C 8 10.93 -13.83 -18.51
N THR C 9 10.19 -14.88 -18.90
CA THR C 9 9.41 -14.89 -20.13
C THR C 9 7.89 -14.76 -19.95
N GLY C 10 7.50 -14.31 -18.76
CA GLY C 10 6.15 -13.94 -18.38
C GLY C 10 5.22 -14.85 -17.60
N LYS C 11 5.61 -16.10 -17.37
CA LYS C 11 4.86 -16.99 -16.50
C LYS C 11 5.42 -17.03 -15.08
N THR C 12 4.54 -17.10 -14.09
CA THR C 12 4.97 -17.37 -12.73
C THR C 12 4.38 -18.73 -12.35
N ILE C 13 5.23 -19.67 -11.99
CA ILE C 13 4.80 -21.03 -11.75
C ILE C 13 4.61 -21.26 -10.26
N THR C 14 3.66 -22.11 -9.93
CA THR C 14 3.46 -22.55 -8.57
C THR C 14 3.98 -23.97 -8.49
N LEU C 15 4.65 -24.31 -7.40
CA LEU C 15 5.13 -25.67 -7.21
C LEU C 15 4.73 -26.20 -5.84
N GLU C 16 4.38 -27.49 -5.79
CA GLU C 16 4.11 -28.17 -4.54
C GLU C 16 5.34 -28.99 -4.19
N VAL C 17 5.98 -28.64 -3.09
CA VAL C 17 7.28 -29.21 -2.76
C VAL C 17 7.37 -29.53 -1.28
N GLU C 18 8.45 -30.21 -0.91
CA GLU C 18 8.76 -30.41 0.49
C GLU C 18 10.11 -29.78 0.74
N PRO C 19 10.36 -29.34 1.99
CA PRO C 19 11.68 -28.77 2.30
C PRO C 19 12.80 -29.77 2.02
N SER C 20 12.45 -31.05 2.09
CA SER C 20 13.40 -32.13 1.86
C SER C 20 13.66 -32.37 0.37
N ASP C 21 12.87 -31.73 -0.50
CA ASP C 21 13.06 -31.93 -1.94
C ASP C 21 14.40 -31.37 -2.38
N THR C 22 15.08 -32.09 -3.26
CA THR C 22 16.34 -31.62 -3.82
C THR C 22 16.07 -30.66 -4.97
N ILE C 23 17.08 -29.88 -5.36
CA ILE C 23 16.96 -28.98 -6.50
C ILE C 23 16.70 -29.76 -7.78
N GLU C 24 17.29 -30.95 -7.88
CA GLU C 24 17.02 -31.84 -9.00
C GLU C 24 15.54 -32.20 -9.07
N ASN C 25 14.96 -32.50 -7.92
CA ASN C 25 13.52 -32.79 -7.84
C ASN C 25 12.67 -31.62 -8.31
N VAL C 26 13.02 -30.43 -7.84
CA VAL C 26 12.31 -29.21 -8.21
C VAL C 26 12.38 -28.97 -9.72
N LYS C 27 13.57 -29.14 -10.29
CA LYS C 27 13.73 -29.01 -11.73
C LYS C 27 12.91 -30.07 -12.48
N ALA C 28 12.80 -31.25 -11.89
CA ALA C 28 11.95 -32.30 -12.46
C ALA C 28 10.49 -31.87 -12.48
N LYS C 29 10.03 -31.24 -11.39
CA LYS C 29 8.64 -30.77 -11.32
C LYS C 29 8.39 -29.62 -12.29
N ILE C 30 9.38 -28.77 -12.47
CA ILE C 30 9.29 -27.69 -13.45
C ILE C 30 9.21 -28.30 -14.86
N GLN C 31 9.98 -29.35 -15.11
CA GLN C 31 9.90 -30.02 -16.40
C GLN C 31 8.53 -30.62 -16.62
N ASP C 32 8.02 -31.31 -15.60
CA ASP C 32 6.70 -31.92 -15.65
C ASP C 32 5.59 -30.91 -15.91
N LYS C 33 5.71 -29.72 -15.35
CA LYS C 33 4.63 -28.74 -15.51
C LYS C 33 4.79 -27.85 -16.75
N GLU C 34 6.03 -27.61 -17.17
CA GLU C 34 6.30 -26.65 -18.25
C GLU C 34 7.06 -27.23 -19.44
N GLY C 35 7.56 -28.46 -19.32
CA GLY C 35 8.22 -29.09 -20.44
C GLY C 35 9.65 -28.61 -20.66
N ILE C 36 10.15 -27.80 -19.74
CA ILE C 36 11.51 -27.30 -19.84
C ILE C 36 12.49 -28.33 -19.28
N PRO C 37 13.42 -28.79 -20.12
CA PRO C 37 14.44 -29.76 -19.69
C PRO C 37 15.31 -29.22 -18.56
N PRO C 38 15.54 -30.03 -17.53
CA PRO C 38 16.36 -29.66 -16.36
C PRO C 38 17.75 -29.12 -16.75
N ASP C 39 18.33 -29.64 -17.83
CA ASP C 39 19.66 -29.21 -18.26
C ASP C 39 19.63 -27.78 -18.82
N GLN C 40 18.43 -27.24 -19.01
CA GLN C 40 18.31 -25.87 -19.48
C GLN C 40 17.98 -24.93 -18.34
N GLN C 41 17.66 -25.51 -17.18
CA GLN C 41 17.16 -24.71 -16.06
C GLN C 41 18.27 -24.24 -15.14
N ARG C 42 18.22 -22.96 -14.82
CA ARG C 42 19.04 -22.39 -13.76
C ARG C 42 18.12 -21.77 -12.72
N LEU C 43 18.22 -22.21 -11.47
CA LEU C 43 17.38 -21.65 -10.41
C LEU C 43 18.17 -20.74 -9.48
N ILE C 44 17.56 -19.60 -9.17
CA ILE C 44 18.17 -18.56 -8.34
C ILE C 44 17.30 -18.21 -7.12
N PHE C 45 17.92 -18.21 -5.93
CA PHE C 45 17.24 -17.73 -4.73
C PHE C 45 18.16 -16.81 -3.97
N ALA C 46 17.70 -15.60 -3.66
CA ALA C 46 18.51 -14.63 -2.92
C ALA C 46 19.87 -14.43 -3.58
N GLY C 47 19.85 -14.30 -4.91
CA GLY C 47 21.07 -14.09 -5.68
C GLY C 47 21.99 -15.29 -5.71
N LYS C 48 21.49 -16.44 -5.26
CA LYS C 48 22.30 -17.65 -5.21
C LYS C 48 21.82 -18.72 -6.19
N GLN C 49 22.75 -19.30 -6.94
CA GLN C 49 22.37 -20.36 -7.86
C GLN C 49 22.25 -21.65 -7.10
N LEU C 50 21.11 -22.32 -7.23
CA LEU C 50 20.87 -23.54 -6.49
C LEU C 50 21.55 -24.71 -7.20
N GLU C 51 22.07 -25.65 -6.43
CA GLU C 51 22.80 -26.79 -6.98
C GLU C 51 21.99 -28.07 -6.80
N ASP C 52 22.10 -28.99 -7.74
CA ASP C 52 21.22 -30.16 -7.79
C ASP C 52 21.22 -31.03 -6.53
N GLY C 53 22.42 -31.38 -6.05
CA GLY C 53 22.56 -32.22 -4.87
C GLY C 53 22.01 -31.69 -3.57
N ARG C 54 21.64 -30.41 -3.53
CA ARG C 54 21.10 -29.80 -2.33
C ARG C 54 19.58 -29.76 -2.24
N THR C 55 19.06 -29.52 -1.04
CA THR C 55 17.61 -29.40 -0.82
C THR C 55 17.17 -27.97 -0.60
N LEU C 56 15.87 -27.75 -0.65
CA LEU C 56 15.31 -26.44 -0.40
C LEU C 56 15.62 -25.94 1.01
N SER C 57 15.57 -26.86 1.98
CA SER C 57 15.86 -26.52 3.38
C SER C 57 17.30 -26.06 3.56
N ASP C 58 18.21 -26.65 2.77
CA ASP C 58 19.61 -26.26 2.78
C ASP C 58 19.77 -24.78 2.45
N TYR C 59 18.92 -24.26 1.57
CA TYR C 59 18.98 -22.85 1.17
C TYR C 59 18.04 -21.98 1.98
N ASN C 60 17.43 -22.56 3.01
CA ASN C 60 16.43 -21.86 3.83
C ASN C 60 15.27 -21.33 2.97
N ILE C 61 14.86 -22.14 2.01
CA ILE C 61 13.72 -21.79 1.16
C ILE C 61 12.46 -22.20 1.90
N GLN C 62 11.62 -21.21 2.21
CA GLN C 62 10.45 -21.36 3.08
C GLN C 62 9.17 -21.51 2.26
N LYS C 63 8.06 -21.81 2.93
CA LYS C 63 6.76 -21.81 2.28
C LYS C 63 6.58 -20.47 1.57
N GLU C 64 6.12 -20.51 0.33
CA GLU C 64 5.83 -19.30 -0.45
C GLU C 64 7.05 -18.43 -0.74
N SER C 65 8.25 -19.02 -0.59
CA SER C 65 9.46 -18.38 -1.09
C SER C 65 9.36 -18.27 -2.61
N THR C 66 10.08 -17.31 -3.19
CA THR C 66 10.10 -17.11 -4.65
C THR C 66 11.47 -17.45 -5.24
N LEU C 67 11.47 -18.35 -6.21
CA LEU C 67 12.67 -18.70 -6.95
C LEU C 67 12.59 -18.00 -8.31
N HIS C 68 13.74 -17.69 -8.91
CA HIS C 68 13.76 -17.20 -10.27
C HIS C 68 14.38 -18.23 -11.20
N LEU C 69 13.67 -18.54 -12.28
CA LEU C 69 14.17 -19.50 -13.27
C LEU C 69 14.77 -18.72 -14.44
N VAL C 70 16.03 -18.98 -14.74
CA VAL C 70 16.68 -18.39 -15.89
C VAL C 70 17.20 -19.53 -16.75
N LEU C 71 17.06 -19.41 -18.06
CA LEU C 71 17.53 -20.47 -18.93
C LEU C 71 18.91 -20.14 -19.49
N ARG C 72 19.71 -21.18 -19.73
CA ARG C 72 20.99 -21.01 -20.40
C ARG C 72 20.81 -21.18 -21.91
ZN ZN D . -0.49 26.12 25.55
#